data_3SQZ
#
_entry.id   3SQZ
#
_cell.length_a   115.648
_cell.length_b   56.058
_cell.length_c   67.365
_cell.angle_alpha   90.00
_cell.angle_beta   117.33
_cell.angle_gamma   90.00
#
_symmetry.space_group_name_H-M   'C 1 2 1'
#
loop_
_entity.id
_entity.type
_entity.pdbx_description
1 polymer 'Putative hydroxymethylglutaryl-CoA synthase'
2 non-polymer GLYCEROL
3 non-polymer 'COENZYME A'
4 water water
#
_entity_poly.entity_id   1
_entity_poly.type   'polypeptide(L)'
_entity_poly.pdbx_seq_one_letter_code
;MGSSHHHHHHSSGLVPRGSHMASMTGGQQMGRGSMRIGIDKIGFTSSQYVLNMKDLAEARGEDPQKFSKGLLLNALSIAP
ITDDVVTLAAGSANEILTAEDKEKIDMVILATESSVDQSKAGAVYVHSLLGIQPFARSFEMKEA(CSD)YSATAALNYAK
LHVEKHPDTRVLVLASDIAKYGIGTPGESTQGAGSIAMLVKKDPRILILHDETLAQTRDIMDFWRPNYTTTPYVNGMYST
KQYLDMLKTTWAEYQKRFDVSLTDFAAFCFHLPFPKLALKGFNKIMDKQVPSDLQEKLKVNFEASILYSKQIGNIYTGSL
FLGLLSLLENSQNLVAGDKIALFSYGSGAVAEIFTGTLVKGFKEQLQTNRLDKLKRRTPLSVENYEKIFFEEAQLDDKGN
ASFKEYQTGPFALKEILEHQRIYGKVNES
;
_entity_poly.pdbx_strand_id   A
#
loop_
_chem_comp.id
_chem_comp.type
_chem_comp.name
_chem_comp.formula
COA non-polymer 'COENZYME A' 'C21 H36 N7 O16 P3 S'
GOL non-polymer GLYCEROL 'C3 H8 O3'
#
# COMPACT_ATOMS: atom_id res chain seq x y z
N MET A 35 -1.72 -10.34 26.12
CA MET A 35 -1.27 -10.96 24.87
C MET A 35 -0.96 -9.90 23.81
N ARG A 36 0.28 -9.94 23.33
CA ARG A 36 0.72 -8.98 22.32
C ARG A 36 0.62 -9.61 20.95
N ILE A 37 -0.13 -8.96 20.06
CA ILE A 37 -0.34 -9.46 18.71
C ILE A 37 -0.04 -8.32 17.76
N GLY A 38 0.60 -8.60 16.63
CA GLY A 38 0.79 -7.54 15.68
C GLY A 38 1.64 -7.92 14.49
N ILE A 39 2.26 -6.90 13.91
CA ILE A 39 3.06 -7.05 12.72
C ILE A 39 4.47 -7.52 13.09
N ASP A 40 4.81 -8.72 12.64
CA ASP A 40 6.09 -9.33 12.93
C ASP A 40 7.13 -8.99 11.86
N LYS A 41 6.70 -9.00 10.61
CA LYS A 41 7.58 -8.72 9.47
C LYS A 41 6.78 -7.96 8.41
N ILE A 42 7.48 -7.09 7.68
CA ILE A 42 6.92 -6.36 6.55
C ILE A 42 7.80 -6.56 5.33
N GLY A 43 7.19 -7.02 4.24
CA GLY A 43 7.88 -7.16 2.97
C GLY A 43 7.32 -6.16 1.97
N PHE A 44 8.14 -5.77 1.01
CA PHE A 44 7.69 -4.88 -0.05
C PHE A 44 8.32 -5.26 -1.37
N THR A 45 7.51 -5.29 -2.41
CA THR A 45 7.96 -5.50 -3.79
CA THR A 45 8.08 -5.35 -3.74
C THR A 45 7.33 -4.44 -4.68
N SER A 46 8.09 -3.87 -5.60
CA SER A 46 7.51 -3.04 -6.64
C SER A 46 7.87 -3.65 -7.99
N SER A 47 7.47 -2.98 -9.06
CA SER A 47 7.81 -3.43 -10.40
C SER A 47 9.25 -3.04 -10.75
N GLN A 48 9.70 -3.46 -11.92
CA GLN A 48 11.11 -3.33 -12.29
C GLN A 48 11.40 -2.12 -13.18
N TYR A 49 10.39 -1.28 -13.41
CA TYR A 49 10.51 -0.12 -14.28
C TYR A 49 10.07 1.14 -13.55
N VAL A 50 10.58 2.29 -13.99
CA VAL A 50 10.25 3.55 -13.37
C VAL A 50 10.02 4.61 -14.45
N LEU A 51 9.03 5.46 -14.20
CA LEU A 51 8.78 6.66 -14.99
C LEU A 51 9.17 7.86 -14.16
N ASN A 52 10.17 8.59 -14.62
CA ASN A 52 10.61 9.78 -13.91
C ASN A 52 9.65 10.94 -14.20
N MET A 53 9.24 11.66 -13.17
CA MET A 53 8.23 12.70 -13.33
C MET A 53 8.67 13.82 -14.26
N LYS A 54 9.96 14.13 -14.28
CA LYS A 54 10.43 15.17 -15.19
C LYS A 54 10.22 14.76 -16.65
N ASP A 55 10.32 13.47 -16.94
CA ASP A 55 10.08 12.98 -18.29
C ASP A 55 8.59 13.10 -18.65
N LEU A 56 7.72 12.74 -17.72
CA LEU A 56 6.28 12.88 -17.94
C LEU A 56 5.93 14.35 -18.15
N ALA A 57 6.52 15.23 -17.33
CA ALA A 57 6.25 16.66 -17.46
C ALA A 57 6.61 17.16 -18.85
N GLU A 58 7.79 16.77 -19.32
CA GLU A 58 8.26 17.18 -20.63
C GLU A 58 7.31 16.72 -21.73
N ALA A 59 6.88 15.47 -21.66
CA ALA A 59 6.00 14.92 -22.69
C ALA A 59 4.63 15.59 -22.68
N ARG A 60 4.16 15.97 -21.50
CA ARG A 60 2.80 16.49 -21.34
C ARG A 60 2.72 18.02 -21.36
N GLY A 61 3.87 18.68 -21.46
CA GLY A 61 3.89 20.14 -21.47
C GLY A 61 3.56 20.74 -20.12
N GLU A 62 3.85 20.01 -19.06
CA GLU A 62 3.60 20.47 -17.70
C GLU A 62 4.85 21.07 -17.09
N ASP A 63 4.68 22.04 -16.22
CA ASP A 63 5.78 22.56 -15.42
C ASP A 63 6.26 21.42 -14.52
N PRO A 64 7.53 21.03 -14.66
CA PRO A 64 8.01 19.91 -13.83
C PRO A 64 7.86 20.17 -12.33
N GLN A 65 7.80 21.44 -11.93
CA GLN A 65 7.62 21.76 -10.52
C GLN A 65 6.22 21.41 -10.01
N LYS A 66 5.26 21.30 -10.92
CA LYS A 66 3.95 20.81 -10.52
C LYS A 66 4.10 19.45 -9.84
N PHE A 67 4.99 18.62 -10.37
CA PHE A 67 5.21 17.30 -9.81
C PHE A 67 6.15 17.33 -8.62
N SER A 68 7.31 17.95 -8.78
CA SER A 68 8.32 17.91 -7.71
C SER A 68 7.89 18.67 -6.46
N LYS A 69 7.17 19.79 -6.64
CA LYS A 69 6.72 20.59 -5.51
C LYS A 69 5.22 20.47 -5.25
N GLY A 70 4.42 20.43 -6.32
CA GLY A 70 2.98 20.36 -6.20
C GLY A 70 2.49 19.05 -5.63
N LEU A 71 2.91 17.94 -6.22
CA LEU A 71 2.50 16.61 -5.76
C LEU A 71 3.50 16.01 -4.78
N LEU A 72 4.72 16.55 -4.77
CA LEU A 72 5.84 15.95 -4.02
C LEU A 72 6.16 14.54 -4.52
N LEU A 73 6.21 14.39 -5.84
CA LEU A 73 6.57 13.11 -6.47
C LEU A 73 7.78 13.29 -7.37
N ASN A 74 8.71 12.34 -7.29
CA ASN A 74 9.89 12.32 -8.14
C ASN A 74 9.79 11.30 -9.28
N ALA A 75 9.19 10.15 -8.99
CA ALA A 75 9.15 9.05 -9.92
C ALA A 75 8.05 8.08 -9.53
N LEU A 76 7.62 7.25 -10.48
CA LEU A 76 6.52 6.31 -10.31
CA LEU A 76 6.66 6.25 -10.10
C LEU A 76 6.94 4.93 -10.79
N SER A 77 6.58 3.87 -10.07
CA SER A 77 6.79 2.52 -10.58
C SER A 77 5.80 2.19 -11.68
N ILE A 78 6.29 1.55 -12.73
CA ILE A 78 5.48 1.13 -13.86
C ILE A 78 5.56 -0.38 -13.98
N ALA A 79 4.41 -1.03 -14.09
CA ALA A 79 4.33 -2.48 -14.19
C ALA A 79 3.97 -2.92 -15.61
N PRO A 80 4.70 -3.90 -16.16
CA PRO A 80 4.32 -4.50 -17.43
C PRO A 80 3.16 -5.46 -17.21
N ILE A 81 2.57 -5.93 -18.30
CA ILE A 81 1.40 -6.79 -18.24
C ILE A 81 1.67 -8.09 -17.48
N THR A 82 2.93 -8.51 -17.41
CA THR A 82 3.28 -9.78 -16.78
C THR A 82 3.57 -9.67 -15.28
N ASP A 83 3.46 -8.45 -14.73
CA ASP A 83 3.67 -8.24 -13.30
C ASP A 83 2.39 -7.58 -12.78
N ASP A 84 1.53 -8.36 -12.12
CA ASP A 84 0.20 -7.91 -11.74
C ASP A 84 0.00 -7.98 -10.23
N VAL A 85 -1.25 -7.85 -9.79
CA VAL A 85 -1.55 -7.90 -8.37
C VAL A 85 -1.01 -9.17 -7.70
N VAL A 86 -1.17 -10.29 -8.39
CA VAL A 86 -0.76 -11.59 -7.85
C VAL A 86 0.75 -11.71 -7.73
N THR A 87 1.46 -11.37 -8.81
CA THR A 87 2.91 -11.54 -8.79
C THR A 87 3.58 -10.57 -7.83
N LEU A 88 3.09 -9.33 -7.76
CA LEU A 88 3.64 -8.38 -6.80
C LEU A 88 3.36 -8.86 -5.38
N ALA A 89 2.15 -9.36 -5.13
CA ALA A 89 1.79 -9.84 -3.80
C ALA A 89 2.68 -11.02 -3.40
N ALA A 90 2.85 -11.98 -4.30
CA ALA A 90 3.69 -13.13 -4.00
C ALA A 90 5.14 -12.71 -3.78
N GLY A 91 5.63 -11.76 -4.59
CA GLY A 91 6.98 -11.24 -4.40
C GLY A 91 7.16 -10.61 -3.03
N SER A 92 6.18 -9.83 -2.59
CA SER A 92 6.33 -9.15 -1.31
C SER A 92 6.35 -10.15 -0.16
N ALA A 93 5.58 -11.23 -0.26
CA ALA A 93 5.59 -12.25 0.76
C ALA A 93 6.90 -13.07 0.72
N ASN A 94 7.40 -13.30 -0.49
CA ASN A 94 8.63 -14.05 -0.66
C ASN A 94 9.80 -13.35 0.03
N GLU A 95 9.71 -12.03 0.17
CA GLU A 95 10.73 -11.24 0.85
C GLU A 95 10.87 -11.63 2.33
N ILE A 96 9.80 -12.11 2.95
CA ILE A 96 9.78 -12.27 4.41
C ILE A 96 9.47 -13.66 4.96
N LEU A 97 8.85 -14.53 4.18
CA LEU A 97 8.37 -15.79 4.76
C LEU A 97 9.44 -16.86 4.90
N THR A 98 9.45 -17.53 6.04
CA THR A 98 10.29 -18.70 6.26
C THR A 98 9.47 -19.98 6.10
N ALA A 99 10.16 -21.11 6.11
CA ALA A 99 9.47 -22.39 6.07
C ALA A 99 8.53 -22.54 7.27
N GLU A 100 8.97 -22.08 8.43
CA GLU A 100 8.13 -22.15 9.62
C GLU A 100 6.86 -21.28 9.44
N ASP A 101 7.02 -20.09 8.87
CA ASP A 101 5.85 -19.26 8.62
C ASP A 101 4.85 -20.00 7.74
N LYS A 102 5.37 -20.64 6.69
CA LYS A 102 4.52 -21.33 5.73
C LYS A 102 3.75 -22.50 6.37
N GLU A 103 4.33 -23.08 7.41
CA GLU A 103 3.68 -24.17 8.14
C GLU A 103 2.60 -23.67 9.09
N LYS A 104 2.71 -22.43 9.54
CA LYS A 104 1.82 -21.91 10.59
C LYS A 104 0.78 -20.90 10.11
N ILE A 105 0.96 -20.36 8.92
CA ILE A 105 -0.03 -19.44 8.37
C ILE A 105 -1.30 -20.21 8.03
N ASP A 106 -2.44 -19.78 8.57
CA ASP A 106 -3.70 -20.43 8.23
C ASP A 106 -4.75 -19.46 7.69
N MET A 107 -4.32 -18.26 7.32
CA MET A 107 -5.19 -17.31 6.65
C MET A 107 -4.34 -16.41 5.77
N VAL A 108 -4.76 -16.25 4.51
CA VAL A 108 -4.08 -15.39 3.55
C VAL A 108 -5.13 -14.43 3.02
N ILE A 109 -4.92 -13.14 3.23
CA ILE A 109 -5.89 -12.12 2.80
C ILE A 109 -5.21 -11.18 1.80
N LEU A 110 -5.80 -11.04 0.63
CA LEU A 110 -5.34 -10.07 -0.36
C LEU A 110 -6.27 -8.88 -0.37
N ALA A 111 -5.75 -7.73 0.03
CA ALA A 111 -6.45 -6.45 -0.11
C ALA A 111 -6.03 -5.83 -1.43
N THR A 112 -6.99 -5.49 -2.28
CA THR A 112 -6.68 -4.93 -3.58
C THR A 112 -7.89 -4.25 -4.17
N GLU A 113 -7.64 -3.32 -5.08
CA GLU A 113 -8.67 -2.83 -5.99
C GLU A 113 -8.23 -3.04 -7.44
N SER A 114 -7.27 -3.94 -7.64
CA SER A 114 -6.72 -4.23 -8.95
C SER A 114 -6.89 -5.71 -9.29
N SER A 115 -8.04 -6.27 -8.91
CA SER A 115 -8.27 -7.70 -9.07
C SER A 115 -8.23 -8.16 -10.53
N VAL A 116 -7.86 -9.43 -10.70
CA VAL A 116 -7.75 -10.01 -12.03
C VAL A 116 -8.81 -11.10 -12.27
N ASP A 117 -9.69 -11.35 -11.29
CA ASP A 117 -10.86 -12.19 -11.47
C ASP A 117 -11.97 -11.62 -10.63
N GLN A 118 -13.21 -11.88 -11.04
CA GLN A 118 -14.37 -11.39 -10.30
C GLN A 118 -14.87 -12.40 -9.26
N SER A 119 -14.38 -13.63 -9.36
CA SER A 119 -14.79 -14.71 -8.48
C SER A 119 -13.61 -15.25 -7.66
N LYS A 120 -12.57 -15.70 -8.34
CA LYS A 120 -11.44 -16.32 -7.66
C LYS A 120 -10.58 -15.26 -6.97
N ALA A 121 -10.40 -15.40 -5.67
CA ALA A 121 -9.54 -14.47 -4.94
C ALA A 121 -8.09 -14.59 -5.38
N GLY A 122 -7.42 -13.46 -5.60
CA GLY A 122 -6.01 -13.48 -5.93
C GLY A 122 -5.17 -14.11 -4.85
N ALA A 123 -5.68 -14.09 -3.61
CA ALA A 123 -5.02 -14.73 -2.48
C ALA A 123 -4.76 -16.22 -2.71
N VAL A 124 -5.64 -16.89 -3.46
CA VAL A 124 -5.45 -18.31 -3.70
C VAL A 124 -4.14 -18.57 -4.46
N TYR A 125 -3.85 -17.73 -5.45
CA TYR A 125 -2.59 -17.86 -6.18
C TYR A 125 -1.40 -17.60 -5.30
N VAL A 126 -1.51 -16.62 -4.40
CA VAL A 126 -0.40 -16.32 -3.51
C VAL A 126 -0.14 -17.51 -2.58
N HIS A 127 -1.21 -18.07 -2.04
CA HIS A 127 -1.13 -19.26 -1.21
C HIS A 127 -0.35 -20.38 -1.92
N SER A 128 -0.68 -20.62 -3.18
CA SER A 128 -0.03 -21.70 -3.91
CA SER A 128 -0.06 -21.65 -3.99
C SER A 128 1.41 -21.35 -4.31
N LEU A 129 1.64 -20.14 -4.83
CA LEU A 129 2.98 -19.75 -5.26
C LEU A 129 3.98 -19.79 -4.11
N LEU A 130 3.52 -19.48 -2.91
CA LEU A 130 4.39 -19.45 -1.73
C LEU A 130 4.51 -20.79 -1.03
N GLY A 131 3.71 -21.77 -1.42
CA GLY A 131 3.81 -23.08 -0.80
C GLY A 131 3.34 -23.09 0.65
N ILE A 132 2.34 -22.28 0.96
CA ILE A 132 1.76 -22.28 2.29
C ILE A 132 0.97 -23.57 2.55
N GLN A 133 0.97 -24.02 3.79
CA GLN A 133 0.28 -25.27 4.15
C GLN A 133 -1.20 -25.20 3.75
N PRO A 134 -1.80 -26.35 3.39
CA PRO A 134 -3.12 -26.34 2.73
C PRO A 134 -4.30 -25.95 3.59
N PHE A 135 -4.23 -26.14 4.91
CA PHE A 135 -5.40 -25.90 5.76
C PHE A 135 -5.48 -24.44 6.21
N ALA A 136 -5.69 -23.58 5.22
CA ALA A 136 -5.77 -22.14 5.39
C ALA A 136 -6.99 -21.63 4.67
N ARG A 137 -7.56 -20.53 5.15
CA ARG A 137 -8.55 -19.82 4.34
C ARG A 137 -7.86 -18.69 3.58
N SER A 138 -8.31 -18.49 2.34
CA SER A 138 -7.71 -17.48 1.47
C SER A 138 -8.84 -16.71 0.82
N PHE A 139 -8.76 -15.38 0.82
CA PHE A 139 -9.79 -14.57 0.19
C PHE A 139 -9.27 -13.15 -0.04
N GLU A 140 -10.07 -12.37 -0.74
CA GLU A 140 -9.76 -11.00 -1.07
C GLU A 140 -10.69 -10.06 -0.29
N MET A 141 -10.18 -8.88 0.06
CA MET A 141 -11.01 -7.79 0.55
C MET A 141 -10.94 -6.62 -0.41
N LYS A 142 -12.05 -5.91 -0.54
CA LYS A 142 -12.16 -4.77 -1.44
C LYS A 142 -12.88 -3.62 -0.77
N GLU A 143 -12.22 -2.46 -0.77
CA GLU A 143 -12.82 -1.16 -0.49
C GLU A 143 -11.72 -0.16 -0.78
N ALA A 144 -11.57 0.14 -2.06
CA ALA A 144 -10.62 1.13 -2.55
C ALA A 144 -9.26 0.95 -1.87
N CSD A 145 -8.70 2.04 -1.36
CA CSD A 145 -7.37 2.06 -0.72
CB CSD A 145 -6.52 3.25 -1.02
SG CSD A 145 -7.18 4.87 -1.08
C CSD A 145 -7.33 1.68 0.75
O CSD A 145 -6.29 1.80 1.39
OD1 CSD A 145 -6.08 5.35 -2.16
OD2 CSD A 145 -8.45 4.90 -1.83
N CYS A 145 -8.70 2.04 -1.36
CA CYS A 145 -7.41 1.97 -0.71
C CYS A 145 -7.33 1.68 0.75
N TYR A 146 -8.58 1.38 1.29
CA TYR A 146 -8.76 1.16 2.72
C TYR A 146 -8.56 -0.29 3.17
N SER A 147 -8.84 -1.25 2.29
CA SER A 147 -9.14 -2.61 2.76
C SER A 147 -8.03 -3.35 3.50
N ALA A 148 -6.77 -3.00 3.31
CA ALA A 148 -5.73 -3.70 4.07
C ALA A 148 -5.85 -3.43 5.57
N THR A 149 -6.45 -2.32 5.94
CA THR A 149 -6.70 -2.01 7.34
C THR A 149 -7.68 -3.01 7.96
N ALA A 150 -8.74 -3.33 7.24
CA ALA A 150 -9.69 -4.36 7.69
C ALA A 150 -9.02 -5.73 7.71
N ALA A 151 -8.19 -6.02 6.73
CA ALA A 151 -7.46 -7.28 6.68
C ALA A 151 -6.58 -7.44 7.92
N LEU A 152 -5.85 -6.39 8.26
CA LEU A 152 -4.98 -6.42 9.41
C LEU A 152 -5.78 -6.62 10.70
N ASN A 153 -6.92 -5.96 10.79
CA ASN A 153 -7.74 -6.10 11.98
C ASN A 153 -8.28 -7.52 12.17
N TYR A 154 -8.81 -8.10 11.10
CA TYR A 154 -9.25 -9.49 11.15
C TYR A 154 -8.07 -10.40 11.51
N ALA A 155 -6.92 -10.17 10.88
CA ALA A 155 -5.73 -10.95 11.18
C ALA A 155 -5.40 -10.93 12.68
N LYS A 156 -5.43 -9.73 13.26
CA LYS A 156 -5.10 -9.54 14.65
C LYS A 156 -6.05 -10.33 15.55
N LEU A 157 -7.35 -10.23 15.28
CA LEU A 157 -8.34 -10.93 16.09
C LEU A 157 -8.24 -12.44 15.95
N HIS A 158 -7.98 -12.90 14.73
CA HIS A 158 -7.83 -14.32 14.47
C HIS A 158 -6.67 -14.90 15.27
N VAL A 159 -5.53 -14.22 15.28
CA VAL A 159 -4.38 -14.72 16.02
C VAL A 159 -4.65 -14.66 17.51
N GLU A 160 -5.33 -13.63 17.97
CA GLU A 160 -5.67 -13.55 19.38
C GLU A 160 -6.50 -14.76 19.82
N LYS A 161 -7.45 -15.16 18.98
CA LYS A 161 -8.29 -16.32 19.25
C LYS A 161 -7.50 -17.62 19.14
N HIS A 162 -6.57 -17.67 18.17
CA HIS A 162 -5.76 -18.86 17.89
C HIS A 162 -4.29 -18.47 17.90
N PRO A 163 -3.71 -18.33 19.11
CA PRO A 163 -2.41 -17.68 19.24
C PRO A 163 -1.21 -18.45 18.69
N ASP A 164 -1.39 -19.70 18.29
CA ASP A 164 -0.32 -20.44 17.64
C ASP A 164 -0.27 -20.22 16.13
N THR A 165 -1.26 -19.50 15.60
CA THR A 165 -1.35 -19.33 14.16
C THR A 165 -0.73 -18.03 13.70
N ARG A 166 -0.56 -17.92 12.39
CA ARG A 166 -0.02 -16.71 11.77
C ARG A 166 -0.90 -16.35 10.59
N VAL A 167 -0.92 -15.06 10.23
CA VAL A 167 -1.76 -14.62 9.13
C VAL A 167 -0.91 -13.77 8.19
N LEU A 168 -1.10 -13.98 6.89
CA LEU A 168 -0.41 -13.20 5.88
C LEU A 168 -1.40 -12.22 5.26
N VAL A 169 -1.11 -10.93 5.38
CA VAL A 169 -1.90 -9.88 4.76
C VAL A 169 -1.09 -9.28 3.62
N LEU A 170 -1.70 -9.22 2.44
CA LEU A 170 -1.09 -8.62 1.26
C LEU A 170 -1.91 -7.42 0.86
N ALA A 171 -1.23 -6.32 0.57
CA ALA A 171 -1.87 -5.10 0.07
C ALA A 171 -1.18 -4.77 -1.24
N SER A 172 -1.81 -5.12 -2.34
CA SER A 172 -1.15 -5.14 -3.65
C SER A 172 -2.03 -4.45 -4.67
N ASP A 173 -1.43 -3.56 -5.48
CA ASP A 173 -2.23 -2.76 -6.41
C ASP A 173 -1.34 -2.15 -7.48
N ILE A 174 -1.99 -1.85 -8.61
CA ILE A 174 -1.39 -1.08 -9.69
C ILE A 174 -2.33 0.09 -9.96
N ALA A 175 -1.84 1.29 -9.67
CA ALA A 175 -2.63 2.49 -9.84
C ALA A 175 -2.43 2.99 -11.27
N LYS A 176 -3.51 2.92 -12.05
CA LYS A 176 -3.48 3.15 -13.48
C LYS A 176 -4.66 4.05 -13.82
N TYR A 177 -4.38 5.28 -14.27
CA TYR A 177 -5.41 6.29 -14.44
C TYR A 177 -5.68 6.64 -15.91
N GLY A 178 -4.67 6.50 -16.76
CA GLY A 178 -4.85 6.77 -18.18
C GLY A 178 -4.01 7.92 -18.71
N ILE A 179 -3.59 7.78 -19.96
CA ILE A 179 -2.82 8.82 -20.63
C ILE A 179 -3.61 10.13 -20.71
N GLY A 180 -2.98 11.23 -20.30
CA GLY A 180 -3.59 12.53 -20.45
C GLY A 180 -4.58 12.90 -19.36
N THR A 181 -4.80 11.99 -18.41
CA THR A 181 -5.74 12.26 -17.32
C THR A 181 -5.05 12.98 -16.18
N PRO A 182 -5.83 13.69 -15.34
CA PRO A 182 -5.19 14.31 -14.18
C PRO A 182 -4.47 13.28 -13.30
N GLY A 183 -5.03 12.09 -13.18
CA GLY A 183 -4.44 11.06 -12.33
C GLY A 183 -3.21 10.37 -12.90
N GLU A 184 -2.83 10.68 -14.13
CA GLU A 184 -1.68 10.03 -14.72
C GLU A 184 -0.43 10.22 -13.87
N SER A 185 -0.34 11.38 -13.23
CA SER A 185 0.79 11.71 -12.40
C SER A 185 0.77 11.02 -11.03
N THR A 186 -0.35 10.37 -10.69
CA THR A 186 -0.47 9.65 -9.41
C THR A 186 -0.67 8.16 -9.64
N GLN A 187 0.05 7.64 -10.63
CA GLN A 187 0.10 6.20 -10.90
C GLN A 187 1.17 5.54 -10.04
N GLY A 188 1.29 4.21 -10.12
CA GLY A 188 2.28 3.48 -9.35
C GLY A 188 1.96 2.01 -9.29
N ALA A 189 2.80 1.25 -8.61
CA ALA A 189 2.61 -0.20 -8.51
C ALA A 189 3.42 -0.73 -7.35
N GLY A 190 2.84 -1.66 -6.59
CA GLY A 190 3.60 -2.30 -5.53
C GLY A 190 2.72 -3.10 -4.61
N SER A 191 3.38 -3.88 -3.75
CA SER A 191 2.68 -4.69 -2.76
C SER A 191 3.44 -4.70 -1.46
N ILE A 192 2.70 -4.54 -0.38
CA ILE A 192 3.17 -4.75 0.99
C ILE A 192 2.66 -6.09 1.49
N ALA A 193 3.55 -6.88 2.10
CA ALA A 193 3.16 -8.10 2.81
C ALA A 193 3.40 -7.88 4.30
N MET A 194 2.44 -8.27 5.12
CA MET A 194 2.58 -8.19 6.57
C MET A 194 2.29 -9.54 7.18
N LEU A 195 3.21 -10.05 7.99
CA LEU A 195 2.99 -11.28 8.73
C LEU A 195 2.53 -10.90 10.12
N VAL A 196 1.35 -11.40 10.50
CA VAL A 196 0.77 -11.09 11.79
C VAL A 196 0.84 -12.33 12.69
N LYS A 197 1.34 -12.16 13.91
CA LYS A 197 1.43 -13.25 14.86
C LYS A 197 1.55 -12.72 16.28
N LYS A 198 1.50 -13.63 17.24
CA LYS A 198 1.72 -13.28 18.64
C LYS A 198 3.18 -12.91 18.86
N ASP A 199 3.43 -12.05 19.83
CA ASP A 199 4.79 -11.61 20.13
C ASP A 199 5.51 -11.11 18.88
N PRO A 200 4.90 -10.13 18.21
CA PRO A 200 5.47 -9.61 16.96
C PRO A 200 6.78 -8.87 17.21
N ARG A 201 7.64 -8.87 16.20
CA ARG A 201 8.94 -8.22 16.32
C ARG A 201 8.99 -6.77 15.87
N ILE A 202 7.92 -6.27 15.25
CA ILE A 202 7.91 -4.87 14.80
C ILE A 202 6.90 -4.00 15.54
N LEU A 203 5.60 -4.31 15.40
CA LEU A 203 4.57 -3.40 15.87
C LEU A 203 3.45 -4.18 16.55
N ILE A 204 3.24 -3.91 17.83
CA ILE A 204 2.08 -4.43 18.53
C ILE A 204 0.85 -3.62 18.13
N LEU A 205 -0.21 -4.31 17.72
CA LEU A 205 -1.44 -3.64 17.33
C LEU A 205 -2.39 -3.55 18.50
N HIS A 206 -3.05 -2.40 18.65
CA HIS A 206 -3.96 -2.21 19.76
C HIS A 206 -5.41 -2.29 19.36
N ASP A 207 -6.29 -2.43 20.34
CA ASP A 207 -7.70 -2.68 20.06
C ASP A 207 -8.56 -1.43 19.92
N GLU A 208 -7.98 -0.27 20.20
CA GLU A 208 -8.71 0.98 20.09
C GLU A 208 -8.71 1.45 18.64
N THR A 209 -9.81 1.21 17.95
CA THR A 209 -9.92 1.54 16.54
C THR A 209 -11.22 2.30 16.32
N LEU A 210 -11.28 3.13 15.29
CA LEU A 210 -12.51 3.79 14.92
C LEU A 210 -12.56 3.97 13.42
N ALA A 211 -13.65 3.49 12.81
CA ALA A 211 -13.88 3.64 11.38
C ALA A 211 -15.09 4.52 11.13
N GLN A 212 -15.17 5.03 9.92
CA GLN A 212 -16.30 5.83 9.47
C GLN A 212 -16.59 5.48 8.01
N THR A 213 -17.88 5.34 7.68
CA THR A 213 -18.32 5.13 6.30
C THR A 213 -19.18 6.29 5.86
N ARG A 214 -18.97 6.76 4.64
CA ARG A 214 -19.76 7.83 4.04
C ARG A 214 -19.91 7.57 2.54
N ASP A 215 -21.14 7.51 2.05
CA ASP A 215 -21.43 7.14 0.66
C ASP A 215 -21.23 8.33 -0.26
N ILE A 216 -20.10 8.34 -0.96
CA ILE A 216 -19.72 9.41 -1.87
C ILE A 216 -19.09 8.83 -3.14
N MET A 217 -18.93 9.68 -4.15
CA MET A 217 -18.31 9.25 -5.39
C MET A 217 -17.12 10.14 -5.75
N ASP A 218 -16.10 10.11 -4.88
CA ASP A 218 -14.86 10.85 -5.13
C ASP A 218 -13.95 10.13 -6.13
N PHE A 219 -13.95 8.79 -6.07
CA PHE A 219 -13.11 7.94 -6.92
C PHE A 219 -13.81 6.60 -6.93
N TRP A 220 -13.92 5.99 -8.10
CA TRP A 220 -14.51 4.66 -8.22
C TRP A 220 -14.10 4.07 -9.56
N ARG A 221 -14.37 2.78 -9.75
CA ARG A 221 -13.97 2.15 -11.01
C ARG A 221 -14.96 1.09 -11.45
N PRO A 222 -15.92 1.48 -12.30
CA PRO A 222 -16.92 0.53 -12.79
C PRO A 222 -16.28 -0.63 -13.55
N ASN A 223 -17.07 -1.68 -13.76
CA ASN A 223 -16.53 -2.93 -14.25
C ASN A 223 -16.00 -2.85 -15.68
N TYR A 224 -16.48 -1.85 -16.42
CA TYR A 224 -16.15 -1.73 -17.83
C TYR A 224 -14.91 -0.88 -18.10
N THR A 225 -14.22 -0.44 -17.06
CA THR A 225 -13.05 0.41 -17.25
C THR A 225 -11.85 -0.06 -16.44
N THR A 226 -10.67 -0.05 -17.08
CA THR A 226 -9.43 -0.38 -16.38
C THR A 226 -8.90 0.79 -15.57
N THR A 227 -9.45 1.98 -15.84
CA THR A 227 -9.03 3.20 -15.17
C THR A 227 -10.20 3.79 -14.39
N PRO A 228 -9.93 4.40 -13.24
CA PRO A 228 -11.01 4.95 -12.40
C PRO A 228 -11.54 6.28 -12.91
N TYR A 229 -12.73 6.62 -12.43
CA TYR A 229 -13.25 7.98 -12.50
C TYR A 229 -12.93 8.65 -11.18
N VAL A 230 -12.51 9.91 -11.23
CA VAL A 230 -12.07 10.59 -10.03
C VAL A 230 -12.27 12.10 -10.12
N ASN A 231 -12.78 12.69 -9.04
CA ASN A 231 -12.85 14.13 -8.89
C ASN A 231 -11.78 14.46 -7.86
N GLY A 232 -10.61 14.87 -8.34
CA GLY A 232 -9.44 15.00 -7.48
C GLY A 232 -9.62 15.96 -6.32
N MET A 233 -10.16 17.14 -6.60
CA MET A 233 -10.33 18.15 -5.56
C MET A 233 -11.35 17.71 -4.52
N TYR A 234 -12.44 17.12 -4.98
CA TYR A 234 -13.47 16.64 -4.08
C TYR A 234 -12.91 15.50 -3.22
N SER A 235 -12.12 14.62 -3.82
CA SER A 235 -11.55 13.54 -3.05
C SER A 235 -10.62 14.06 -1.95
N THR A 236 -9.82 15.08 -2.27
CA THR A 236 -8.95 15.69 -1.27
C THR A 236 -9.78 16.25 -0.11
N LYS A 237 -10.84 16.98 -0.45
CA LYS A 237 -11.69 17.56 0.58
C LYS A 237 -12.32 16.48 1.48
N GLN A 238 -12.76 15.39 0.87
CA GLN A 238 -13.40 14.31 1.63
C GLN A 238 -12.38 13.53 2.45
N TYR A 239 -11.20 13.30 1.89
CA TYR A 239 -10.10 12.68 2.64
CA TYR A 239 -10.13 12.70 2.63
CA TYR A 239 -10.12 12.69 2.64
C TYR A 239 -9.85 13.51 3.90
N LEU A 240 -9.75 14.82 3.74
CA LEU A 240 -9.46 15.69 4.88
C LEU A 240 -10.59 15.79 5.88
N ASP A 241 -11.84 15.78 5.41
CA ASP A 241 -12.97 15.83 6.33
C ASP A 241 -13.16 14.52 7.11
N MET A 242 -12.98 13.39 6.44
CA MET A 242 -13.06 12.12 7.14
CA MET A 242 -13.03 12.09 7.09
C MET A 242 -11.90 11.97 8.12
N LEU A 243 -10.74 12.49 7.75
CA LEU A 243 -9.62 12.52 8.70
C LEU A 243 -9.98 13.34 9.94
N LYS A 244 -10.42 14.57 9.71
CA LYS A 244 -10.74 15.47 10.81
C LYS A 244 -11.80 14.89 11.74
N THR A 245 -12.89 14.40 11.17
CA THR A 245 -14.02 13.93 11.97
C THR A 245 -13.72 12.60 12.66
N THR A 246 -13.00 11.71 11.99
CA THR A 246 -12.66 10.43 12.60
C THR A 246 -11.66 10.64 13.73
N TRP A 247 -10.68 11.51 13.51
CA TRP A 247 -9.67 11.77 14.55
C TRP A 247 -10.30 12.47 15.76
N ALA A 248 -11.21 13.41 15.52
CA ALA A 248 -11.88 14.07 16.64
C ALA A 248 -12.61 13.05 17.49
N GLU A 249 -13.35 12.15 16.85
CA GLU A 249 -14.13 11.17 17.58
C GLU A 249 -13.23 10.12 18.25
N TYR A 250 -12.12 9.80 17.61
CA TYR A 250 -11.14 8.86 18.17
C TYR A 250 -10.59 9.38 19.50
N GLN A 251 -10.16 10.63 19.49
CA GLN A 251 -9.65 11.26 20.70
C GLN A 251 -10.66 11.21 21.83
N LYS A 252 -11.92 11.46 21.52
CA LYS A 252 -12.98 11.45 22.52
C LYS A 252 -13.21 10.07 23.10
N ARG A 253 -13.30 9.06 22.24
CA ARG A 253 -13.60 7.72 22.70
C ARG A 253 -12.47 7.10 23.50
N PHE A 254 -11.24 7.45 23.14
CA PHE A 254 -10.09 6.71 23.67
C PHE A 254 -9.15 7.52 24.55
N ASP A 255 -9.49 8.78 24.79
CA ASP A 255 -8.73 9.65 25.69
C ASP A 255 -7.26 9.74 25.30
N VAL A 256 -7.00 10.11 24.05
CA VAL A 256 -5.65 10.33 23.59
C VAL A 256 -5.56 11.66 22.88
N SER A 257 -4.32 12.09 22.66
CA SER A 257 -4.11 13.26 21.85
CA SER A 257 -3.98 13.35 22.00
C SER A 257 -2.83 13.09 21.04
N LEU A 258 -2.54 14.09 20.22
CA LEU A 258 -1.38 14.02 19.34
C LEU A 258 -0.12 13.70 20.12
N THR A 259 -0.01 14.24 21.33
CA THR A 259 1.21 14.09 22.11
C THR A 259 1.46 12.67 22.64
N ASP A 260 0.48 11.78 22.48
CA ASP A 260 0.68 10.39 22.88
C ASP A 260 1.47 9.59 21.85
N PHE A 261 1.70 10.19 20.69
CA PHE A 261 2.28 9.48 19.56
C PHE A 261 3.61 10.08 19.12
N ALA A 262 4.51 9.22 18.66
CA ALA A 262 5.81 9.64 18.17
C ALA A 262 5.79 9.90 16.68
N ALA A 263 4.76 9.39 15.99
CA ALA A 263 4.63 9.54 14.54
C ALA A 263 3.19 9.30 14.15
N PHE A 264 2.78 9.95 13.06
CA PHE A 264 1.47 9.73 12.46
C PHE A 264 1.68 9.34 11.00
N CYS A 265 1.06 8.23 10.57
CA CYS A 265 1.16 7.75 9.19
C CYS A 265 -0.18 7.94 8.50
N PHE A 266 -0.12 8.31 7.22
CA PHE A 266 -1.30 8.59 6.42
C PHE A 266 -1.32 7.78 5.16
N HIS A 267 -2.51 7.53 4.63
CA HIS A 267 -2.66 6.99 3.30
CA HIS A 267 -2.55 6.93 3.31
C HIS A 267 -1.91 7.90 2.31
N LEU A 268 -1.27 7.32 1.30
CA LEU A 268 -0.30 8.03 0.46
C LEU A 268 -0.55 7.88 -1.05
N PRO A 269 -1.66 8.43 -1.54
CA PRO A 269 -1.86 8.40 -3.00
C PRO A 269 -0.87 9.33 -3.71
N PHE A 270 -0.47 10.39 -3.01
CA PHE A 270 0.64 11.24 -3.40
C PHE A 270 1.05 12.00 -2.13
N PRO A 271 2.34 12.31 -1.97
CA PRO A 271 2.76 12.82 -0.65
C PRO A 271 2.16 14.17 -0.27
N LYS A 272 1.84 15.05 -1.22
CA LYS A 272 1.20 16.31 -0.86
C LYS A 272 -0.12 16.11 -0.11
N LEU A 273 -0.91 15.11 -0.48
CA LEU A 273 -2.18 14.88 0.24
C LEU A 273 -1.91 14.48 1.69
N ALA A 274 -0.92 13.62 1.90
CA ALA A 274 -0.56 13.22 3.25
C ALA A 274 -0.08 14.43 4.06
N LEU A 275 0.68 15.32 3.43
CA LEU A 275 1.13 16.54 4.10
C LEU A 275 -0.07 17.41 4.51
N LYS A 276 -1.06 17.52 3.64
CA LYS A 276 -2.29 18.23 4.01
C LYS A 276 -2.96 17.57 5.21
N GLY A 277 -2.96 16.24 5.25
CA GLY A 277 -3.54 15.51 6.36
C GLY A 277 -2.78 15.80 7.65
N PHE A 278 -1.46 15.72 7.57
CA PHE A 278 -0.60 16.03 8.71
C PHE A 278 -0.89 17.44 9.24
N ASN A 279 -0.93 18.41 8.34
CA ASN A 279 -1.18 19.78 8.75
C ASN A 279 -2.59 19.96 9.31
N LYS A 280 -3.53 19.18 8.76
CA LYS A 280 -4.93 19.24 9.18
C LYS A 280 -5.12 18.87 10.65
N ILE A 281 -4.48 17.79 11.07
CA ILE A 281 -4.68 17.34 12.44
C ILE A 281 -3.71 17.96 13.44
N MET A 282 -2.55 18.39 12.96
CA MET A 282 -1.60 19.04 13.84
C MET A 282 -2.12 20.40 14.29
N ASP A 283 -1.65 20.85 15.44
CA ASP A 283 -1.90 22.21 15.88
C ASP A 283 -0.69 22.72 16.65
N LYS A 284 -0.70 24.00 16.98
CA LYS A 284 0.45 24.61 17.65
C LYS A 284 0.35 24.56 19.17
N GLN A 285 -0.63 23.83 19.68
CA GLN A 285 -0.64 23.51 21.11
C GLN A 285 0.29 22.32 21.38
N VAL A 286 0.72 21.62 20.33
CA VAL A 286 1.77 20.61 20.48
C VAL A 286 3.06 21.32 20.89
N PRO A 287 3.78 20.79 21.91
CA PRO A 287 5.06 21.41 22.27
C PRO A 287 6.04 21.43 21.11
N SER A 288 6.91 22.42 21.07
CA SER A 288 7.81 22.63 19.94
CA SER A 288 7.80 22.62 19.93
C SER A 288 8.69 21.40 19.64
N ASP A 289 9.20 20.76 20.67
CA ASP A 289 10.08 19.62 20.44
C ASP A 289 9.34 18.47 19.76
N LEU A 290 8.09 18.24 20.16
CA LEU A 290 7.29 17.21 19.53
C LEU A 290 6.85 17.63 18.13
N GLN A 291 6.57 18.92 17.92
CA GLN A 291 6.27 19.38 16.56
C GLN A 291 7.41 18.98 15.62
N GLU A 292 8.63 19.22 16.06
CA GLU A 292 9.80 18.93 15.24
C GLU A 292 9.94 17.43 14.98
N LYS A 293 9.78 16.63 16.03
CA LYS A 293 9.87 15.19 15.88
C LYS A 293 8.80 14.64 14.93
N LEU A 294 7.58 15.10 15.11
CA LEU A 294 6.48 14.63 14.27
C LEU A 294 6.72 15.01 12.81
N LYS A 295 7.26 16.20 12.58
CA LYS A 295 7.54 16.66 11.23
C LYS A 295 8.64 15.84 10.57
N VAL A 296 9.73 15.60 11.29
CA VAL A 296 10.82 14.79 10.78
C VAL A 296 10.32 13.38 10.47
N ASN A 297 9.48 12.84 11.34
CA ASN A 297 8.92 11.51 11.10
C ASN A 297 7.95 11.49 9.93
N PHE A 298 7.17 12.55 9.76
CA PHE A 298 6.35 12.67 8.58
C PHE A 298 7.20 12.62 7.30
N GLU A 299 8.28 13.41 7.28
CA GLU A 299 9.16 13.44 6.12
C GLU A 299 9.78 12.06 5.85
N ALA A 300 10.16 11.35 6.91
CA ALA A 300 10.69 10.00 6.76
C ALA A 300 9.65 9.09 6.11
N SER A 301 8.39 9.25 6.51
CA SER A 301 7.32 8.36 6.05
C SER A 301 6.97 8.50 4.58
N ILE A 302 7.31 9.62 3.95
CA ILE A 302 6.96 9.83 2.54
C ILE A 302 8.10 9.54 1.57
N LEU A 303 9.27 9.20 2.10
CA LEU A 303 10.45 9.02 1.26
C LEU A 303 10.26 7.99 0.16
N TYR A 304 9.71 6.83 0.49
CA TYR A 304 9.54 5.78 -0.53
C TYR A 304 8.47 6.16 -1.54
N SER A 305 7.37 6.71 -1.06
CA SER A 305 6.28 7.07 -1.96
C SER A 305 6.70 8.09 -3.02
N LYS A 306 7.63 8.99 -2.67
CA LYS A 306 8.15 9.95 -3.64
C LYS A 306 8.81 9.29 -4.84
N GLN A 307 9.26 8.04 -4.67
CA GLN A 307 9.95 7.31 -5.73
C GLN A 307 9.08 6.26 -6.42
N ILE A 308 7.95 5.92 -5.80
CA ILE A 308 7.12 4.79 -6.22
C ILE A 308 5.75 5.21 -6.76
N GLY A 309 5.18 6.28 -6.20
CA GLY A 309 3.85 6.69 -6.58
C GLY A 309 2.79 6.03 -5.74
N ASN A 310 1.57 6.03 -6.27
CA ASN A 310 0.40 5.50 -5.57
C ASN A 310 0.33 4.00 -5.71
N ILE A 311 0.18 3.29 -4.59
CA ILE A 311 -0.04 1.85 -4.61
C ILE A 311 -1.34 1.45 -3.93
N TYR A 312 -2.28 2.39 -3.92
CA TYR A 312 -3.63 2.14 -3.40
C TYR A 312 -3.60 1.49 -2.01
N THR A 313 -4.08 0.25 -1.87
CA THR A 313 -4.18 -0.37 -0.55
C THR A 313 -2.89 -0.39 0.24
N GLY A 314 -1.76 -0.52 -0.45
CA GLY A 314 -0.50 -0.62 0.26
C GLY A 314 0.10 0.71 0.69
N SER A 315 -0.48 1.83 0.28
CA SER A 315 0.23 3.09 0.43
CA SER A 315 0.19 3.12 0.43
C SER A 315 0.47 3.52 1.88
N LEU A 316 -0.54 3.35 2.74
CA LEU A 316 -0.38 3.66 4.16
C LEU A 316 0.76 2.84 4.75
N PHE A 317 0.82 1.56 4.37
CA PHE A 317 1.78 0.63 4.95
C PHE A 317 3.18 0.79 4.38
N LEU A 318 3.26 1.21 3.12
CA LEU A 318 4.53 1.63 2.55
C LEU A 318 5.08 2.82 3.32
N GLY A 319 4.21 3.77 3.69
CA GLY A 319 4.64 4.89 4.50
C GLY A 319 5.10 4.46 5.88
N LEU A 320 4.41 3.50 6.50
CA LEU A 320 4.86 2.94 7.76
C LEU A 320 6.28 2.36 7.60
N LEU A 321 6.48 1.58 6.54
CA LEU A 321 7.79 0.98 6.29
C LEU A 321 8.87 2.05 6.08
N SER A 322 8.55 3.06 5.28
CA SER A 322 9.45 4.17 5.04
C SER A 322 9.80 4.89 6.34
N LEU A 323 8.80 5.12 7.17
CA LEU A 323 9.02 5.72 8.49
C LEU A 323 9.99 4.89 9.32
N LEU A 324 9.74 3.59 9.43
CA LEU A 324 10.54 2.76 10.31
C LEU A 324 11.97 2.65 9.83
N GLU A 325 12.16 2.65 8.52
CA GLU A 325 13.49 2.50 7.92
C GLU A 325 14.26 3.82 7.81
N ASN A 326 13.59 4.94 8.02
CA ASN A 326 14.22 6.25 7.81
C ASN A 326 14.18 7.23 8.96
N SER A 327 13.31 7.01 9.95
CA SER A 327 13.33 7.86 11.12
C SER A 327 14.60 7.63 11.90
N GLN A 328 15.18 8.71 12.41
CA GLN A 328 16.38 8.60 13.23
C GLN A 328 16.07 8.71 14.73
N ASN A 329 14.78 8.78 15.08
CA ASN A 329 14.40 8.98 16.47
C ASN A 329 13.45 7.96 17.08
N LEU A 330 12.84 7.09 16.28
CA LEU A 330 11.88 6.15 16.84
C LEU A 330 12.58 5.12 17.72
N VAL A 331 11.95 4.80 18.84
CA VAL A 331 12.47 3.80 19.75
C VAL A 331 11.35 2.85 20.23
N ALA A 332 11.78 1.70 20.74
CA ALA A 332 10.88 0.76 21.38
C ALA A 332 9.96 1.48 22.33
N GLY A 333 8.68 1.14 22.28
CA GLY A 333 7.70 1.73 23.17
C GLY A 333 7.03 2.96 22.61
N ASP A 334 7.60 3.56 21.57
CA ASP A 334 6.91 4.66 20.90
C ASP A 334 5.64 4.15 20.25
N LYS A 335 4.60 4.98 20.30
CA LYS A 335 3.32 4.67 19.67
C LYS A 335 3.17 5.42 18.37
N ILE A 336 2.53 4.76 17.41
CA ILE A 336 2.30 5.32 16.10
C ILE A 336 0.80 5.31 15.84
N ALA A 337 0.28 6.41 15.34
CA ALA A 337 -1.12 6.48 14.91
C ALA A 337 -1.17 6.41 13.40
N LEU A 338 -2.14 5.67 12.88
CA LEU A 338 -2.28 5.47 11.44
C LEU A 338 -3.68 5.85 10.98
N PHE A 339 -3.75 6.61 9.89
CA PHE A 339 -5.00 7.04 9.28
C PHE A 339 -5.16 6.40 7.93
N SER A 340 -6.10 5.47 7.84
CA SER A 340 -6.40 4.79 6.60
C SER A 340 -7.61 5.42 5.94
N TYR A 341 -7.54 5.57 4.62
CA TYR A 341 -8.66 6.07 3.82
C TYR A 341 -8.84 5.19 2.61
N GLY A 342 -10.10 5.04 2.20
CA GLY A 342 -10.44 4.49 0.91
C GLY A 342 -11.57 5.31 0.34
N SER A 343 -11.48 5.63 -0.94
CA SER A 343 -12.53 6.37 -1.60
CA SER A 343 -12.54 6.36 -1.61
C SER A 343 -13.86 5.63 -1.58
N GLY A 344 -14.94 6.38 -1.67
CA GLY A 344 -16.25 5.79 -1.74
C GLY A 344 -17.25 5.93 -0.60
N ALA A 345 -16.87 6.10 0.68
CA ALA A 345 -15.53 6.19 1.26
C ALA A 345 -15.59 5.59 2.66
N VAL A 346 -14.47 5.05 3.10
CA VAL A 346 -14.32 4.49 4.43
C VAL A 346 -12.96 4.94 4.97
N ALA A 347 -12.94 5.34 6.25
CA ALA A 347 -11.70 5.73 6.90
C ALA A 347 -11.59 5.00 8.22
N GLU A 348 -10.37 4.83 8.72
CA GLU A 348 -10.19 4.21 10.02
C GLU A 348 -8.89 4.68 10.64
N ILE A 349 -8.93 4.96 11.94
CA ILE A 349 -7.75 5.26 12.71
C ILE A 349 -7.46 4.09 13.64
N PHE A 350 -6.19 3.68 13.67
CA PHE A 350 -5.74 2.62 14.55
C PHE A 350 -4.31 2.94 14.95
N THR A 351 -3.79 2.19 15.92
CA THR A 351 -2.49 2.50 16.51
C THR A 351 -1.69 1.26 16.78
N GLY A 352 -0.40 1.46 17.02
CA GLY A 352 0.48 0.37 17.39
C GLY A 352 1.66 0.88 18.18
N THR A 353 2.37 -0.05 18.82
CA THR A 353 3.54 0.29 19.63
C THR A 353 4.75 -0.47 19.11
N LEU A 354 5.85 0.25 18.93
CA LEU A 354 7.09 -0.38 18.43
C LEU A 354 7.71 -1.32 19.46
N VAL A 355 8.24 -2.42 18.94
CA VAL A 355 8.85 -3.46 19.75
C VAL A 355 10.38 -3.35 19.70
N LYS A 356 11.01 -3.50 20.85
CA LYS A 356 12.45 -3.57 20.94
C LYS A 356 13.01 -4.57 19.93
N GLY A 357 13.98 -4.12 19.13
CA GLY A 357 14.56 -4.96 18.11
C GLY A 357 13.92 -4.84 16.73
N PHE A 358 12.93 -3.97 16.57
CA PHE A 358 12.24 -3.86 15.29
C PHE A 358 13.17 -3.61 14.11
N LYS A 359 14.26 -2.90 14.34
CA LYS A 359 15.18 -2.57 13.26
C LYS A 359 15.79 -3.82 12.63
N GLU A 360 15.89 -4.89 13.43
CA GLU A 360 16.44 -6.17 12.95
C GLU A 360 15.60 -6.79 11.84
N GLN A 361 14.35 -6.37 11.73
CA GLN A 361 13.44 -6.93 10.74
C GLN A 361 13.38 -6.09 9.47
N LEU A 362 14.10 -4.97 9.45
CA LEU A 362 14.00 -4.00 8.36
C LEU A 362 15.14 -4.15 7.37
N GLN A 363 15.08 -3.38 6.30
CA GLN A 363 16.16 -3.30 5.32
C GLN A 363 16.72 -1.90 5.28
N THR A 364 18.00 -1.78 4.99
CA THR A 364 18.66 -0.48 4.94
C THR A 364 18.93 0.04 3.54
N ASN A 365 18.84 -0.83 2.54
CA ASN A 365 19.20 -0.44 1.17
C ASN A 365 18.00 -0.38 0.22
N ARG A 366 16.82 -0.10 0.74
CA ARG A 366 15.64 -0.13 -0.11
C ARG A 366 15.67 0.96 -1.18
N LEU A 367 16.15 2.14 -0.83
CA LEU A 367 16.29 3.21 -1.83
C LEU A 367 17.28 2.80 -2.93
N ASP A 368 18.34 2.13 -2.53
CA ASP A 368 19.29 1.61 -3.51
C ASP A 368 18.63 0.63 -4.45
N LYS A 369 17.82 -0.27 -3.90
CA LYS A 369 17.11 -1.23 -4.74
C LYS A 369 16.17 -0.54 -5.70
N LEU A 370 15.48 0.49 -5.24
CA LEU A 370 14.55 1.21 -6.12
C LEU A 370 15.27 1.89 -7.28
N LYS A 371 16.50 2.32 -7.07
CA LYS A 371 17.30 2.92 -8.13
C LYS A 371 17.64 1.93 -9.23
N ARG A 372 17.55 0.64 -8.94
CA ARG A 372 17.81 -0.38 -9.96
C ARG A 372 16.73 -0.44 -11.03
N ARG A 373 15.55 0.11 -10.78
CA ARG A 373 14.48 0.04 -11.76
C ARG A 373 14.94 0.66 -13.08
N THR A 374 14.46 0.08 -14.18
CA THR A 374 14.79 0.56 -15.51
C THR A 374 13.94 1.75 -15.88
N PRO A 375 14.56 2.90 -16.17
CA PRO A 375 13.75 4.06 -16.55
C PRO A 375 13.14 3.86 -17.93
N LEU A 376 11.89 4.29 -18.09
CA LEU A 376 11.21 4.19 -19.36
C LEU A 376 11.03 5.55 -19.99
N SER A 377 11.17 5.62 -21.31
CA SER A 377 10.72 6.80 -22.02
C SER A 377 9.20 6.88 -21.85
N VAL A 378 8.64 8.07 -22.03
CA VAL A 378 7.19 8.20 -21.97
C VAL A 378 6.56 7.30 -23.03
N GLU A 379 7.14 7.26 -24.22
CA GLU A 379 6.63 6.40 -25.29
C GLU A 379 6.56 4.93 -24.88
N ASN A 380 7.63 4.43 -24.28
CA ASN A 380 7.64 3.03 -23.85
C ASN A 380 6.76 2.77 -22.64
N TYR A 381 6.69 3.74 -21.73
CA TYR A 381 5.76 3.63 -20.61
C TYR A 381 4.32 3.52 -21.10
N GLU A 382 3.97 4.31 -22.10
CA GLU A 382 2.60 4.27 -22.63
C GLU A 382 2.28 2.90 -23.20
N LYS A 383 3.23 2.33 -23.93
CA LYS A 383 3.02 1.03 -24.56
C LYS A 383 2.96 -0.09 -23.51
N ILE A 384 3.86 -0.04 -22.55
CA ILE A 384 3.98 -1.12 -21.58
C ILE A 384 2.87 -1.06 -20.51
N PHE A 385 2.64 0.11 -19.94
CA PHE A 385 1.72 0.19 -18.81
C PHE A 385 0.28 -0.10 -19.23
N PHE A 386 -0.07 0.27 -20.46
CA PHE A 386 -1.45 0.16 -20.91
C PHE A 386 -1.70 -1.01 -21.83
N GLU A 387 -0.70 -1.88 -21.98
CA GLU A 387 -0.89 -3.11 -22.74
C GLU A 387 -2.02 -3.92 -22.13
N GLU A 388 -2.85 -4.52 -22.99
CA GLU A 388 -3.90 -5.44 -22.53
C GLU A 388 -3.71 -6.78 -23.25
N ALA A 389 -4.19 -7.84 -22.61
CA ALA A 389 -4.05 -9.18 -23.19
C ALA A 389 -4.83 -9.29 -24.49
N GLN A 390 -4.21 -9.92 -25.48
CA GLN A 390 -4.87 -10.17 -26.75
C GLN A 390 -5.29 -11.64 -26.83
N LEU A 391 -6.55 -11.91 -26.56
CA LEU A 391 -7.03 -13.28 -26.47
C LEU A 391 -7.49 -13.78 -27.83
N ASP A 392 -7.15 -15.02 -28.16
CA ASP A 392 -7.72 -15.64 -29.34
C ASP A 392 -9.09 -16.20 -28.99
N ASP A 393 -9.75 -16.86 -29.95
CA ASP A 393 -11.12 -17.30 -29.74
C ASP A 393 -11.27 -18.43 -28.71
N LYS A 394 -10.15 -19.02 -28.30
CA LYS A 394 -10.17 -20.06 -27.28
C LYS A 394 -9.75 -19.52 -25.92
N GLY A 395 -9.42 -18.24 -25.85
CA GLY A 395 -9.02 -17.62 -24.60
C GLY A 395 -7.53 -17.74 -24.31
N ASN A 396 -6.72 -17.89 -25.36
CA ASN A 396 -5.27 -17.95 -25.21
C ASN A 396 -4.63 -16.60 -25.49
N ALA A 397 -3.67 -16.22 -24.65
CA ALA A 397 -2.88 -15.02 -24.89
C ALA A 397 -1.43 -15.27 -24.52
N SER A 398 -0.53 -14.72 -25.34
CA SER A 398 0.90 -14.78 -25.06
CA SER A 398 0.90 -14.77 -25.07
C SER A 398 1.43 -13.38 -24.79
N PHE A 399 2.57 -13.32 -24.09
CA PHE A 399 3.18 -12.05 -23.72
C PHE A 399 4.65 -12.05 -24.02
N LYS A 400 5.18 -10.88 -24.36
CA LYS A 400 6.62 -10.68 -24.42
C LYS A 400 7.18 -10.89 -23.02
N GLU A 401 8.46 -11.23 -22.94
CA GLU A 401 9.12 -11.31 -21.65
C GLU A 401 9.56 -9.91 -21.20
N TYR A 402 9.10 -9.51 -20.03
CA TYR A 402 9.46 -8.24 -19.43
C TYR A 402 10.25 -8.52 -18.18
N GLN A 403 10.87 -7.48 -17.64
CA GLN A 403 11.53 -7.60 -16.35
C GLN A 403 10.48 -7.69 -15.25
N THR A 404 10.60 -8.71 -14.42
CA THR A 404 9.72 -8.88 -13.27
C THR A 404 10.54 -9.26 -12.05
N GLY A 405 9.87 -9.41 -10.91
CA GLY A 405 10.45 -10.02 -9.73
C GLY A 405 10.41 -11.53 -9.88
N PRO A 406 10.42 -12.25 -8.75
CA PRO A 406 10.54 -13.71 -8.79
C PRO A 406 9.37 -14.43 -9.46
N PHE A 407 8.20 -13.82 -9.51
CA PHE A 407 7.03 -14.43 -10.12
C PHE A 407 6.54 -13.62 -11.29
N ALA A 408 5.95 -14.30 -12.27
CA ALA A 408 5.42 -13.62 -13.45
C ALA A 408 4.17 -14.30 -13.95
N LEU A 409 3.32 -13.51 -14.60
CA LEU A 409 2.28 -14.05 -15.46
C LEU A 409 2.95 -14.52 -16.74
N LYS A 410 2.82 -15.81 -17.04
CA LYS A 410 3.51 -16.44 -18.17
C LYS A 410 2.71 -16.39 -19.46
N GLU A 411 1.40 -16.58 -19.33
CA GLU A 411 0.50 -16.67 -20.47
C GLU A 411 -0.91 -16.74 -19.91
N ILE A 412 -1.91 -16.66 -20.80
CA ILE A 412 -3.26 -17.03 -20.45
C ILE A 412 -3.61 -18.23 -21.32
N LEU A 413 -4.07 -19.30 -20.68
CA LEU A 413 -4.34 -20.56 -21.36
C LEU A 413 -5.81 -20.88 -21.18
N GLU A 414 -6.57 -20.81 -22.27
CA GLU A 414 -8.02 -21.01 -22.25
C GLU A 414 -8.65 -20.30 -21.06
N HIS A 415 -8.33 -19.01 -20.96
CA HIS A 415 -8.88 -18.08 -19.97
C HIS A 415 -8.30 -18.20 -18.58
N GLN A 416 -7.35 -19.12 -18.39
CA GLN A 416 -6.67 -19.26 -17.11
C GLN A 416 -5.37 -18.46 -17.09
N ARG A 417 -5.21 -17.57 -16.11
CA ARG A 417 -3.96 -16.84 -15.94
C ARG A 417 -2.92 -17.79 -15.36
N ILE A 418 -1.81 -17.98 -16.08
CA ILE A 418 -0.81 -18.94 -15.68
C ILE A 418 0.37 -18.21 -15.04
N TYR A 419 0.58 -18.46 -13.75
CA TYR A 419 1.65 -17.82 -12.99
C TYR A 419 2.75 -18.83 -12.70
N GLY A 420 3.99 -18.34 -12.60
CA GLY A 420 5.07 -19.21 -12.20
C GLY A 420 6.25 -18.43 -11.69
N LYS A 421 7.19 -19.15 -11.08
CA LYS A 421 8.47 -18.59 -10.74
C LYS A 421 9.26 -18.39 -12.01
N VAL A 422 9.97 -17.26 -12.08
CA VAL A 422 10.80 -16.96 -13.25
C VAL A 422 12.10 -17.75 -13.23
C1 GOL B . 11.17 -3.33 -4.52
O1 GOL B . 10.95 -4.03 -5.73
C2 GOL B . 12.63 -3.29 -4.09
O2 GOL B . 13.26 -4.56 -4.17
C3 GOL B . 12.71 -2.70 -2.69
O3 GOL B . 11.86 -3.35 -1.75
C1 GOL C . -1.82 -26.16 -14.78
O1 GOL C . -1.33 -27.30 -14.12
C2 GOL C . -2.79 -26.58 -15.88
O2 GOL C . -3.93 -27.18 -15.32
C3 GOL C . -3.18 -25.37 -16.73
O3 GOL C . -3.93 -25.78 -17.85
N1A COA D . 4.69 24.71 -8.96
C2A COA D . 4.32 24.17 -7.78
N3A COA D . 3.07 23.59 -7.64
C4A COA D . 2.22 23.56 -8.71
C5A COA D . 2.61 24.11 -9.93
C6A COA D . 3.82 24.68 -10.06
N6A COA D . 4.22 25.24 -11.31
N7A COA D . 1.57 23.95 -10.82
C8A COA D . 0.57 23.33 -10.19
N9A COA D . 0.99 23.11 -8.85
C1B COA D . 0.28 22.34 -7.84
C2B COA D . -0.82 22.89 -6.91
O2B COA D . -1.09 24.17 -6.55
C3B COA D . -1.14 21.66 -6.07
O3B COA D . -0.95 21.52 -4.72
P3B COA D . -1.89 22.18 -3.68
O7A COA D . -3.22 21.35 -3.61
O8A COA D . -1.10 22.09 -2.34
O9A COA D . -2.16 23.61 -4.07
C4B COA D . -0.94 20.58 -7.06
O4B COA D . 0.35 20.90 -7.61
C5B COA D . -2.03 19.88 -7.81
O5B COA D . -2.53 20.85 -8.68
P1A COA D . -3.73 20.50 -9.65
O1A COA D . -4.98 20.00 -8.79
O2A COA D . -4.10 21.72 -10.47
O3A COA D . -3.22 19.32 -10.58
P2A COA D . -4.16 18.35 -11.41
O4A COA D . -5.44 19.10 -11.90
O5A COA D . -3.38 17.79 -12.59
O6A COA D . -4.61 17.14 -10.46
CBP COA D . -4.44 15.48 -8.69
CCP COA D . -3.83 16.67 -9.39
CDP COA D . -5.75 15.89 -8.10
CEP COA D . -3.53 15.01 -7.58
CAP COA D . -4.62 14.40 -9.71
OAP COA D . -3.42 13.83 -10.08
C9P COA D . -5.62 13.35 -9.28
O9P COA D . -6.83 13.53 -9.30
N8P COA D . -5.04 12.05 -8.90
C7P COA D . -5.86 11.00 -8.31
C6P COA D . -6.29 11.29 -6.89
C5P COA D . -7.03 10.12 -6.23
O5P COA D . -6.89 8.99 -6.63
N4P COA D . -7.82 10.38 -5.07
C3P COA D . -8.46 9.26 -4.35
C2P COA D . -7.90 8.93 -2.98
S1P COA D . -7.64 10.30 -1.90
#